data_5JPG
#
_entry.id   5JPG
#
_cell.length_a   39.024
_cell.length_b   65.763
_cell.length_c   112.718
_cell.angle_alpha   90.00
_cell.angle_beta   90.00
_cell.angle_gamma   90.00
#
_symmetry.space_group_name_H-M   'P 2 21 21'
#
loop_
_entity.id
_entity.type
_entity.pdbx_description
1 polymer Galectin-5
2 branched beta-D-galactopyranose-(1-4)-alpha-D-glucopyranose
3 non-polymer 'SODIUM ION'
4 water water
#
_entity_poly.entity_id   1
_entity_poly.type   'polypeptide(L)'
_entity_poly.pdbx_seq_one_letter_code
;MSSFSTQTPYPNLAVPFFTSIPNGLYPSKSIVISGVVLSDAKRFQINLRCGGDIAFHLNPRFDENAVVRNTQINNSWGPE
ERSLPGSMPFSRGQRFSVWILCEGHCFKVAVDGQHICEYSHRLMNLPDINTLEVAGDIQLTHVET
;
_entity_poly.pdbx_strand_id   A,B
#
# COMPACT_ATOMS: atom_id res chain seq x y z
N SER A 2 -7.02 19.05 -18.91
CA SER A 2 -8.31 19.15 -18.24
C SER A 2 -8.50 18.13 -17.11
N SER A 3 -7.41 17.62 -16.54
CA SER A 3 -7.48 16.86 -15.30
C SER A 3 -6.33 17.26 -14.40
N PHE A 4 -6.65 17.61 -13.16
CA PHE A 4 -5.65 18.10 -12.21
C PHE A 4 -5.86 17.44 -10.85
N SER A 5 -4.83 17.51 -10.02
CA SER A 5 -4.89 16.82 -8.74
C SER A 5 -5.95 17.41 -7.81
N THR A 6 -6.41 18.63 -8.08
CA THR A 6 -7.41 19.28 -7.22
C THR A 6 -8.81 18.76 -7.44
N GLN A 7 -9.06 18.04 -8.54
CA GLN A 7 -10.38 17.47 -8.76
C GLN A 7 -10.72 16.48 -7.65
N THR A 8 -12.00 16.40 -7.31
CA THR A 8 -12.42 15.52 -6.24
C THR A 8 -12.24 14.07 -6.68
N PRO A 9 -11.59 13.22 -5.90
CA PRO A 9 -11.48 11.82 -6.28
C PRO A 9 -12.80 11.10 -6.06
N TYR A 10 -12.95 9.95 -6.70
CA TYR A 10 -14.05 9.08 -6.34
C TYR A 10 -13.81 8.49 -4.96
N PRO A 11 -14.88 8.13 -4.24
CA PRO A 11 -14.71 7.48 -2.93
C PRO A 11 -13.67 6.37 -2.99
N ASN A 12 -12.72 6.42 -2.07
CA ASN A 12 -11.66 5.42 -1.87
C ASN A 12 -10.67 5.34 -3.01
N LEU A 13 -10.72 6.23 -4.00
CA LEU A 13 -9.81 6.18 -5.14
C LEU A 13 -8.78 7.31 -5.16
N ALA A 14 -8.60 8.03 -4.06
CA ALA A 14 -7.52 9.00 -3.98
C ALA A 14 -6.17 8.29 -4.15
N VAL A 15 -5.16 9.05 -4.60
CA VAL A 15 -3.80 8.54 -4.71
C VAL A 15 -2.91 9.18 -3.64
N PRO A 16 -1.97 8.41 -3.09
CA PRO A 16 -1.66 7.03 -3.45
C PRO A 16 -2.78 6.05 -3.06
N PHE A 17 -2.93 5.04 -3.90
CA PHE A 17 -3.99 4.05 -3.77
C PHE A 17 -3.35 2.70 -3.51
N PHE A 18 -3.87 1.96 -2.53
CA PHE A 18 -3.37 0.63 -2.20
C PHE A 18 -4.56 -0.33 -2.13
N THR A 19 -4.42 -1.52 -2.70
CA THR A 19 -5.48 -2.51 -2.51
C THR A 19 -4.87 -3.90 -2.58
N SER A 20 -5.59 -4.85 -2.01
CA SER A 20 -5.12 -6.23 -1.98
CA SER A 20 -5.09 -6.23 -1.99
C SER A 20 -5.32 -6.88 -3.35
N ILE A 21 -4.46 -7.86 -3.65
CA ILE A 21 -4.63 -8.75 -4.79
C ILE A 21 -5.14 -10.06 -4.21
N PRO A 22 -6.42 -10.38 -4.36
CA PRO A 22 -6.97 -11.57 -3.69
C PRO A 22 -6.24 -12.84 -4.11
N ASN A 23 -5.85 -13.63 -3.11
CA ASN A 23 -5.04 -14.84 -3.20
C ASN A 23 -3.61 -14.56 -3.63
N GLY A 24 -3.22 -13.30 -3.81
CA GLY A 24 -1.93 -13.00 -4.39
C GLY A 24 -1.91 -13.35 -5.87
N LEU A 25 -0.75 -13.13 -6.48
CA LEU A 25 -0.61 -13.44 -7.89
C LEU A 25 -0.52 -14.94 -8.10
N TYR A 26 -0.94 -15.37 -9.29
CA TYR A 26 -0.82 -16.76 -9.73
C TYR A 26 -0.97 -16.75 -11.25
N PRO A 27 -0.50 -17.79 -11.93
CA PRO A 27 -0.62 -17.79 -13.40
C PRO A 27 -2.08 -17.66 -13.79
N SER A 28 -2.35 -16.71 -14.70
CA SER A 28 -3.64 -16.31 -15.29
C SER A 28 -4.31 -15.14 -14.55
N LYS A 29 -3.76 -14.68 -13.42
CA LYS A 29 -4.37 -13.58 -12.68
C LYS A 29 -4.24 -12.29 -13.47
N SER A 30 -5.35 -11.57 -13.63
CA SER A 30 -5.40 -10.30 -14.35
C SER A 30 -5.63 -9.14 -13.40
N ILE A 31 -4.97 -8.00 -13.68
CA ILE A 31 -5.20 -6.75 -12.98
C ILE A 31 -5.50 -5.68 -14.02
N VAL A 32 -6.52 -4.87 -13.77
CA VAL A 32 -6.86 -3.75 -14.65
C VAL A 32 -6.88 -2.46 -13.85
N ILE A 33 -6.23 -1.42 -14.38
CA ILE A 33 -6.16 -0.11 -13.73
C ILE A 33 -6.55 0.93 -14.78
N SER A 34 -7.57 1.72 -14.47
CA SER A 34 -8.10 2.74 -15.37
C SER A 34 -8.06 4.08 -14.67
N GLY A 35 -7.79 5.12 -15.46
CA GLY A 35 -7.70 6.46 -14.90
C GLY A 35 -7.36 7.43 -15.99
N VAL A 36 -6.91 8.62 -15.60
CA VAL A 36 -6.54 9.67 -16.53
C VAL A 36 -5.23 10.26 -16.05
N VAL A 37 -4.27 10.43 -16.97
CA VAL A 37 -3.02 11.08 -16.61
C VAL A 37 -3.30 12.58 -16.40
N LEU A 38 -2.71 13.15 -15.35
CA LEU A 38 -2.93 14.57 -15.09
C LEU A 38 -2.36 15.42 -16.23
N SER A 39 -3.01 16.56 -16.48
CA SER A 39 -2.60 17.41 -17.59
C SER A 39 -1.19 17.96 -17.42
N ASP A 40 -0.70 18.04 -16.18
CA ASP A 40 0.66 18.50 -15.89
C ASP A 40 1.54 17.39 -15.32
N ALA A 41 1.22 16.14 -15.65
CA ALA A 41 1.89 15.00 -15.05
C ALA A 41 3.39 15.02 -15.33
N LYS A 42 4.18 14.62 -14.33
CA LYS A 42 5.58 14.24 -14.52
C LYS A 42 5.76 12.74 -14.69
N ARG A 43 5.23 11.96 -13.74
CA ARG A 43 5.35 10.51 -13.73
C ARG A 43 4.20 9.93 -12.92
N PHE A 44 3.94 8.63 -13.14
CA PHE A 44 3.20 7.88 -12.14
C PHE A 44 3.75 6.46 -12.13
N GLN A 45 3.31 5.68 -11.14
CA GLN A 45 3.83 4.33 -11.01
C GLN A 45 2.74 3.38 -10.53
N ILE A 46 2.81 2.17 -11.04
CA ILE A 46 2.02 1.04 -10.56
C ILE A 46 3.01 0.02 -10.02
N ASN A 47 2.81 -0.41 -8.78
CA ASN A 47 3.73 -1.30 -8.09
C ASN A 47 2.98 -2.51 -7.60
N LEU A 48 3.48 -3.69 -7.92
CA LEU A 48 2.99 -4.93 -7.35
C LEU A 48 3.99 -5.28 -6.25
N ARG A 49 3.53 -5.25 -5.01
CA ARG A 49 4.41 -5.31 -3.85
C ARG A 49 4.31 -6.65 -3.15
N CYS A 50 5.42 -7.02 -2.50
N CYS A 50 5.42 -7.10 -2.60
CA CYS A 50 5.55 -8.27 -1.76
CA CYS A 50 5.44 -8.28 -1.72
C CYS A 50 6.35 -7.95 -0.49
C CYS A 50 6.29 -7.94 -0.50
N GLY A 51 5.63 -7.75 0.62
CA GLY A 51 6.32 -7.38 1.86
C GLY A 51 7.07 -6.07 1.69
N GLY A 52 8.37 -6.11 1.88
CA GLY A 52 9.17 -4.91 1.72
C GLY A 52 9.72 -4.70 0.32
N ASP A 53 9.36 -5.56 -0.64
CA ASP A 53 9.94 -5.49 -1.98
C ASP A 53 8.89 -5.08 -3.01
N ILE A 54 9.35 -4.63 -4.17
CA ILE A 54 8.46 -4.32 -5.29
C ILE A 54 8.77 -5.35 -6.37
N ALA A 55 7.87 -6.32 -6.53
CA ALA A 55 8.07 -7.35 -7.54
C ALA A 55 8.04 -6.76 -8.93
N PHE A 56 7.17 -5.77 -9.17
CA PHE A 56 7.00 -5.21 -10.49
C PHE A 56 6.64 -3.74 -10.34
N HIS A 57 7.50 -2.88 -10.85
CA HIS A 57 7.40 -1.43 -10.81
C HIS A 57 7.20 -0.98 -12.24
N LEU A 58 6.06 -0.35 -12.53
CA LEU A 58 5.72 0.10 -13.88
C LEU A 58 5.56 1.62 -13.83
N ASN A 59 6.47 2.34 -14.49
CA ASN A 59 6.69 3.76 -14.22
C ASN A 59 6.68 4.59 -15.50
N PRO A 60 5.49 4.96 -16.00
CA PRO A 60 5.43 5.93 -17.10
C PRO A 60 6.01 7.28 -16.68
N ARG A 61 6.92 7.80 -17.50
CA ARG A 61 7.60 9.07 -17.22
C ARG A 61 7.37 10.03 -18.38
N PHE A 62 6.63 11.11 -18.13
CA PHE A 62 6.36 12.09 -19.17
C PHE A 62 7.49 13.09 -19.33
N ASP A 63 8.32 13.26 -18.29
CA ASP A 63 9.51 14.09 -18.44
C ASP A 63 10.55 13.42 -19.34
N GLU A 64 10.58 12.10 -19.39
CA GLU A 64 11.55 11.35 -20.16
C GLU A 64 10.94 10.67 -21.39
N ASN A 65 9.62 10.72 -21.57
CA ASN A 65 8.94 10.03 -22.65
C ASN A 65 9.34 8.55 -22.66
N ALA A 66 9.07 7.89 -21.53
CA ALA A 66 9.53 6.53 -21.33
C ALA A 66 8.57 5.79 -20.43
N VAL A 67 8.62 4.46 -20.51
CA VAL A 67 7.93 3.61 -19.55
C VAL A 67 8.96 2.68 -18.95
N VAL A 68 9.32 2.92 -17.70
CA VAL A 68 10.39 2.20 -17.04
C VAL A 68 9.79 1.05 -16.22
N ARG A 69 10.40 -0.13 -16.34
CA ARG A 69 9.98 -1.29 -15.58
C ARG A 69 11.18 -1.81 -14.78
N ASN A 70 10.95 -2.17 -13.54
CA ASN A 70 12.05 -2.63 -12.71
C ASN A 70 11.49 -3.40 -11.51
N THR A 71 12.40 -3.89 -10.68
CA THR A 71 12.09 -4.61 -9.45
C THR A 71 12.99 -4.04 -8.36
N GLN A 72 12.44 -3.86 -7.17
CA GLN A 72 13.19 -3.40 -6.02
C GLN A 72 13.21 -4.51 -4.97
N ILE A 73 14.41 -4.98 -4.62
CA ILE A 73 14.56 -6.05 -3.65
C ILE A 73 15.42 -5.54 -2.51
N ASN A 74 14.93 -5.70 -1.28
CA ASN A 74 15.65 -5.25 -0.09
C ASN A 74 16.14 -3.81 -0.28
N ASN A 75 15.22 -2.96 -0.74
CA ASN A 75 15.42 -1.53 -0.90
C ASN A 75 16.48 -1.18 -1.94
N SER A 76 16.77 -2.05 -2.91
CA SER A 76 17.64 -1.70 -4.01
C SER A 76 17.01 -2.06 -5.36
N TRP A 77 17.24 -1.21 -6.34
CA TRP A 77 16.71 -1.40 -7.70
C TRP A 77 17.63 -2.25 -8.55
N GLY A 78 17.03 -3.12 -9.37
CA GLY A 78 17.77 -3.88 -10.34
C GLY A 78 17.92 -3.14 -11.65
N PRO A 79 18.28 -3.85 -12.71
CA PRO A 79 18.39 -3.21 -14.03
C PRO A 79 17.03 -2.86 -14.60
N GLU A 80 16.96 -1.70 -15.27
CA GLU A 80 15.71 -1.23 -15.84
C GLU A 80 15.44 -1.88 -17.20
N GLU A 81 14.15 -2.03 -17.50
CA GLU A 81 13.69 -2.39 -18.84
C GLU A 81 12.85 -1.24 -19.38
N ARG A 82 13.21 -0.75 -20.56
CA ARG A 82 12.59 0.44 -21.13
C ARG A 82 12.04 0.27 -22.53
N SER A 83 12.25 -0.86 -23.18
CA SER A 83 11.89 -0.98 -24.59
C SER A 83 10.40 -0.80 -24.77
N LEU A 84 10.04 -0.15 -25.88
CA LEU A 84 8.65 0.02 -26.27
C LEU A 84 8.48 -0.39 -27.72
N PRO A 85 7.36 -1.03 -28.08
CA PRO A 85 7.14 -1.39 -29.48
C PRO A 85 6.90 -0.19 -30.37
N GLY A 86 6.27 0.86 -29.86
CA GLY A 86 6.05 2.04 -30.65
C GLY A 86 6.27 3.28 -29.83
N SER A 87 5.34 4.23 -29.93
CA SER A 87 5.48 5.48 -29.21
C SER A 87 5.00 5.32 -27.77
N MET A 88 5.34 6.31 -26.96
CA MET A 88 4.89 6.46 -25.58
C MET A 88 3.39 6.23 -25.49
N PRO A 89 2.94 5.17 -24.81
CA PRO A 89 1.52 4.80 -24.84
C PRO A 89 0.63 5.58 -23.89
N PHE A 90 1.19 6.49 -23.09
CA PHE A 90 0.43 7.36 -22.20
C PHE A 90 0.61 8.81 -22.63
N SER A 91 -0.40 9.65 -22.37
CA SER A 91 -0.32 11.06 -22.71
C SER A 91 -0.97 11.89 -21.62
N ARG A 92 -0.37 13.07 -21.34
CA ARG A 92 -0.94 13.98 -20.35
C ARG A 92 -2.38 14.32 -20.69
N GLY A 93 -3.25 14.26 -19.67
CA GLY A 93 -4.65 14.60 -19.85
C GLY A 93 -5.51 13.50 -20.44
N GLN A 94 -4.93 12.36 -20.82
CA GLN A 94 -5.63 11.34 -21.58
C GLN A 94 -5.96 10.13 -20.70
N ARG A 95 -7.14 9.54 -20.94
CA ARG A 95 -7.55 8.36 -20.21
C ARG A 95 -6.71 7.16 -20.60
N PHE A 96 -6.57 6.23 -19.67
CA PHE A 96 -5.81 5.03 -19.94
C PHE A 96 -6.50 3.85 -19.28
N SER A 97 -6.24 2.67 -19.83
CA SER A 97 -6.57 1.41 -19.19
C SER A 97 -5.34 0.52 -19.30
N VAL A 98 -4.79 0.11 -18.16
CA VAL A 98 -3.61 -0.74 -18.12
C VAL A 98 -4.04 -2.14 -17.72
N TRP A 99 -3.71 -3.13 -18.54
CA TRP A 99 -4.00 -4.52 -18.22
C TRP A 99 -2.69 -5.25 -17.93
N ILE A 100 -2.58 -5.83 -16.74
CA ILE A 100 -1.41 -6.61 -16.35
C ILE A 100 -1.83 -8.06 -16.21
N LEU A 101 -1.24 -8.92 -17.03
CA LEU A 101 -1.51 -10.36 -16.99
C LEU A 101 -0.32 -11.08 -16.37
N CYS A 102 -0.58 -11.84 -15.31
CA CYS A 102 0.46 -12.64 -14.66
C CYS A 102 0.46 -14.04 -15.27
N GLU A 103 1.51 -14.37 -16.04
CA GLU A 103 1.74 -15.74 -16.50
C GLU A 103 2.74 -16.40 -15.56
N GLY A 104 2.99 -17.71 -15.76
CA GLY A 104 3.88 -18.42 -14.86
C GLY A 104 5.30 -17.89 -14.85
N HIS A 105 5.73 -17.26 -15.93
CA HIS A 105 7.11 -16.82 -16.08
C HIS A 105 7.29 -15.32 -16.27
N CYS A 106 6.22 -14.57 -16.53
CA CYS A 106 6.37 -13.14 -16.80
C CYS A 106 5.05 -12.44 -16.55
N PHE A 107 5.13 -11.11 -16.57
CA PHE A 107 3.98 -10.24 -16.74
C PHE A 107 3.85 -9.84 -18.20
N LYS A 108 2.62 -9.79 -18.70
CA LYS A 108 2.32 -9.16 -19.97
C LYS A 108 1.51 -7.91 -19.67
N VAL A 109 1.91 -6.79 -20.26
CA VAL A 109 1.31 -5.49 -19.97
C VAL A 109 0.79 -4.89 -21.26
N ALA A 110 -0.48 -4.48 -21.26
CA ALA A 110 -1.11 -3.81 -22.39
C ALA A 110 -1.71 -2.50 -21.93
N VAL A 111 -1.64 -1.47 -22.78
CA VAL A 111 -2.23 -0.17 -22.48
C VAL A 111 -3.23 0.14 -23.58
N ASP A 112 -4.48 0.38 -23.18
CA ASP A 112 -5.54 0.70 -24.14
C ASP A 112 -5.60 -0.35 -25.24
N GLY A 113 -5.40 -1.61 -24.86
CA GLY A 113 -5.45 -2.73 -25.77
C GLY A 113 -4.22 -2.96 -26.63
N GLN A 114 -3.16 -2.18 -26.46
CA GLN A 114 -1.92 -2.38 -27.20
C GLN A 114 -0.88 -2.96 -26.26
N HIS A 115 -0.31 -4.10 -26.64
CA HIS A 115 0.76 -4.69 -25.85
C HIS A 115 1.95 -3.73 -25.80
N ILE A 116 2.52 -3.55 -24.62
CA ILE A 116 3.66 -2.63 -24.55
C ILE A 116 4.91 -3.34 -24.05
N CYS A 117 4.75 -4.37 -23.21
CA CYS A 117 5.96 -5.05 -22.76
C CYS A 117 5.62 -6.37 -22.10
N GLU A 118 6.60 -7.27 -22.13
CA GLU A 118 6.62 -8.46 -21.31
C GLU A 118 7.77 -8.33 -20.33
N TYR A 119 7.55 -8.73 -19.08
CA TYR A 119 8.52 -8.55 -18.00
C TYR A 119 8.72 -9.89 -17.30
N SER A 120 9.93 -10.45 -17.42
CA SER A 120 10.22 -11.74 -16.80
C SER A 120 10.17 -11.63 -15.29
N HIS A 121 9.50 -12.59 -14.65
CA HIS A 121 9.43 -12.61 -13.20
C HIS A 121 10.84 -12.64 -12.62
N ARG A 122 11.10 -11.76 -11.67
CA ARG A 122 12.33 -11.73 -10.89
C ARG A 122 12.11 -12.22 -9.47
N LEU A 123 11.02 -11.82 -8.85
CA LEU A 123 10.51 -12.47 -7.66
C LEU A 123 9.48 -13.51 -8.08
N MET A 124 9.77 -14.79 -7.79
CA MET A 124 8.93 -15.88 -8.27
C MET A 124 7.92 -16.37 -7.24
N ASN A 125 7.95 -15.86 -6.00
CA ASN A 125 6.95 -16.24 -5.00
C ASN A 125 5.67 -15.44 -5.22
N LEU A 126 4.90 -15.85 -6.23
CA LEU A 126 3.77 -15.05 -6.69
C LEU A 126 2.67 -14.82 -5.66
N PRO A 127 2.27 -15.77 -4.81
CA PRO A 127 1.14 -15.49 -3.89
C PRO A 127 1.46 -14.45 -2.84
N ASP A 128 2.73 -14.23 -2.52
CA ASP A 128 3.11 -13.16 -1.62
C ASP A 128 3.07 -11.81 -2.29
N ILE A 129 2.97 -11.78 -3.62
CA ILE A 129 2.85 -10.51 -4.32
C ILE A 129 1.37 -10.17 -4.26
N ASN A 130 0.97 -9.49 -3.18
CA ASN A 130 -0.44 -9.48 -2.82
C ASN A 130 -0.99 -8.08 -2.61
N THR A 131 -0.20 -7.04 -2.91
CA THR A 131 -0.60 -5.65 -2.73
C THR A 131 -0.31 -4.89 -4.00
N LEU A 132 -1.29 -4.10 -4.44
CA LEU A 132 -1.12 -3.21 -5.57
C LEU A 132 -1.10 -1.78 -5.05
N GLU A 133 -0.13 -0.98 -5.50
CA GLU A 133 -0.07 0.44 -5.24
C GLU A 133 -0.14 1.20 -6.56
N VAL A 134 -0.90 2.28 -6.58
CA VAL A 134 -0.91 3.21 -7.70
C VAL A 134 -0.66 4.60 -7.13
N ALA A 135 0.38 5.28 -7.61
CA ALA A 135 0.75 6.57 -7.06
C ALA A 135 1.21 7.50 -8.17
N GLY A 136 1.26 8.79 -7.86
CA GLY A 136 1.76 9.75 -8.82
C GLY A 136 0.70 10.57 -9.53
N ASP A 137 1.02 11.04 -10.72
CA ASP A 137 0.27 12.11 -11.37
C ASP A 137 -0.84 11.56 -12.26
N ILE A 138 -1.81 10.90 -11.62
CA ILE A 138 -3.01 10.44 -12.28
C ILE A 138 -4.21 10.69 -11.38
N GLN A 139 -5.38 10.62 -11.98
CA GLN A 139 -6.61 10.38 -11.24
C GLN A 139 -7.07 8.96 -11.57
N LEU A 140 -7.49 8.23 -10.56
CA LEU A 140 -7.91 6.86 -10.73
C LEU A 140 -9.41 6.78 -10.92
N THR A 141 -9.85 5.92 -11.82
CA THR A 141 -11.29 5.71 -11.98
C THR A 141 -11.73 4.28 -11.70
N HIS A 142 -10.91 3.28 -11.97
CA HIS A 142 -11.32 1.92 -11.65
C HIS A 142 -10.12 1.00 -11.51
N VAL A 143 -10.18 0.11 -10.53
CA VAL A 143 -9.14 -0.87 -10.30
C VAL A 143 -9.80 -2.22 -10.04
N GLU A 144 -9.38 -3.24 -10.78
CA GLU A 144 -9.80 -4.61 -10.47
C GLU A 144 -8.59 -5.50 -10.32
N THR A 145 -8.54 -6.25 -9.22
CA THR A 145 -7.39 -7.10 -8.92
C THR A 145 -7.85 -8.52 -8.65
N PRO B 11 15.81 -14.29 6.47
CA PRO B 11 14.85 -13.50 7.25
C PRO B 11 15.03 -11.99 7.08
N ASN B 12 14.52 -11.40 6.00
CA ASN B 12 14.75 -9.99 5.71
C ASN B 12 13.44 -9.25 5.33
N LEU B 13 12.69 -8.81 6.34
CA LEU B 13 11.43 -8.07 6.12
C LEU B 13 11.71 -6.56 6.09
N ALA B 14 11.75 -5.99 4.89
CA ALA B 14 12.15 -4.60 4.73
C ALA B 14 11.00 -3.65 5.08
N VAL B 15 11.35 -2.48 5.59
CA VAL B 15 10.37 -1.42 5.81
C VAL B 15 10.66 -0.29 4.82
N PRO B 16 9.62 0.35 4.29
CA PRO B 16 8.19 0.16 4.53
C PRO B 16 7.68 -1.18 4.02
N PHE B 17 6.83 -1.82 4.81
CA PHE B 17 6.32 -3.16 4.57
C PHE B 17 4.84 -3.07 4.23
N PHE B 18 4.43 -3.76 3.15
CA PHE B 18 3.04 -3.80 2.73
C PHE B 18 2.61 -5.25 2.60
N THR B 19 1.38 -5.56 3.01
CA THR B 19 0.85 -6.88 2.72
C THR B 19 -0.67 -6.81 2.79
N SER B 20 -1.30 -7.78 2.15
CA SER B 20 -2.75 -7.86 2.14
CA SER B 20 -2.76 -7.83 2.16
C SER B 20 -3.27 -8.33 3.49
N ILE B 21 -4.52 -7.98 3.77
CA ILE B 21 -5.34 -8.59 4.81
C ILE B 21 -6.35 -9.44 4.05
N PRO B 22 -6.18 -10.75 3.99
CA PRO B 22 -7.03 -11.57 3.12
C PRO B 22 -8.51 -11.40 3.46
N ASN B 23 -9.30 -11.08 2.43
CA ASN B 23 -10.74 -10.84 2.52
C ASN B 23 -11.08 -9.60 3.33
N GLY B 24 -10.09 -8.83 3.76
CA GLY B 24 -10.34 -7.60 4.47
C GLY B 24 -10.69 -7.84 5.91
N LEU B 25 -11.12 -6.77 6.56
CA LEU B 25 -11.47 -6.86 7.96
C LEU B 25 -12.95 -7.14 8.12
N TYR B 26 -13.30 -7.78 9.23
CA TYR B 26 -14.66 -7.98 9.68
C TYR B 26 -14.62 -8.16 11.18
N PRO B 27 -15.75 -8.04 11.87
CA PRO B 27 -15.72 -8.19 13.33
C PRO B 27 -15.15 -9.55 13.70
N SER B 28 -14.25 -9.54 14.69
CA SER B 28 -13.53 -10.66 15.31
C SER B 28 -12.23 -10.97 14.58
N LYS B 29 -11.87 -10.24 13.52
CA LYS B 29 -10.63 -10.47 12.81
C LYS B 29 -9.49 -9.71 13.49
N SER B 30 -8.33 -10.38 13.62
CA SER B 30 -7.19 -9.81 14.32
C SER B 30 -5.97 -9.75 13.41
N ILE B 31 -5.10 -8.79 13.71
CA ILE B 31 -3.83 -8.57 13.05
C ILE B 31 -2.74 -8.47 14.11
N VAL B 32 -1.55 -8.99 13.82
CA VAL B 32 -0.41 -8.89 14.74
C VAL B 32 0.81 -8.37 14.00
N ILE B 33 1.44 -7.33 14.54
CA ILE B 33 2.65 -6.75 13.98
C ILE B 33 3.71 -6.77 15.07
N SER B 34 4.80 -7.49 14.83
CA SER B 34 5.86 -7.63 15.81
C SER B 34 7.17 -7.09 15.27
N GLY B 35 7.96 -6.51 16.16
CA GLY B 35 9.25 -6.03 15.72
C GLY B 35 10.09 -5.45 16.83
N VAL B 36 10.99 -4.54 16.47
CA VAL B 36 11.89 -3.90 17.42
C VAL B 36 11.95 -2.43 17.09
N VAL B 37 11.72 -1.57 18.08
CA VAL B 37 11.88 -0.14 17.91
C VAL B 37 13.37 0.19 17.91
N LEU B 38 13.83 0.94 16.92
CA LEU B 38 15.27 1.19 16.85
C LEU B 38 15.71 2.02 18.05
N SER B 39 16.98 1.85 18.45
CA SER B 39 17.48 2.53 19.64
C SER B 39 17.39 4.05 19.53
N ASP B 40 17.39 4.60 18.32
CA ASP B 40 17.31 6.04 18.10
C ASP B 40 16.03 6.45 17.38
N ALA B 41 14.96 5.65 17.50
CA ALA B 41 13.76 5.89 16.73
C ALA B 41 13.13 7.25 17.03
N LYS B 42 12.57 7.88 15.99
CA LYS B 42 11.71 9.05 16.18
C LYS B 42 10.23 8.70 16.15
N ARG B 43 9.80 7.97 15.11
CA ARG B 43 8.39 7.63 14.90
C ARG B 43 8.31 6.36 14.06
N PHE B 44 7.19 5.65 14.19
CA PHE B 44 6.83 4.66 13.18
C PHE B 44 5.31 4.62 13.11
N GLN B 45 4.80 3.99 12.05
CA GLN B 45 3.36 4.00 11.88
C GLN B 45 2.88 2.69 11.28
N ILE B 46 1.67 2.30 11.68
CA ILE B 46 0.95 1.18 11.11
C ILE B 46 -0.34 1.73 10.52
N ASN B 47 -0.57 1.42 9.25
CA ASN B 47 -1.72 1.96 8.52
C ASN B 47 -2.57 0.82 8.03
N LEU B 48 -3.87 0.89 8.33
CA LEU B 48 -4.87 -0.02 7.77
C LEU B 48 -5.59 0.76 6.66
N ARG B 49 -5.31 0.38 5.41
CA ARG B 49 -5.69 1.16 4.25
C ARG B 49 -6.86 0.55 3.51
N CYS B 50 -7.68 1.44 2.92
N CYS B 50 -7.75 1.40 2.99
CA CYS B 50 -8.83 1.09 2.11
CA CYS B 50 -8.81 0.97 2.07
C CYS B 50 -8.72 1.93 0.82
C CYS B 50 -8.73 1.88 0.85
N GLY B 51 -8.08 1.38 -0.20
CA GLY B 51 -7.87 2.13 -1.42
C GLY B 51 -6.97 3.33 -1.17
N GLY B 52 -7.48 4.53 -1.43
CA GLY B 52 -6.74 5.74 -1.19
C GLY B 52 -7.00 6.39 0.16
N ASP B 53 -7.79 5.75 1.02
CA ASP B 53 -8.06 6.22 2.37
C ASP B 53 -7.32 5.36 3.39
N ILE B 54 -7.07 5.94 4.56
CA ILE B 54 -6.43 5.23 5.66
C ILE B 54 -7.48 5.10 6.76
N ALA B 55 -8.08 3.92 6.88
CA ALA B 55 -9.11 3.70 7.89
C ALA B 55 -8.56 3.86 9.30
N PHE B 56 -7.33 3.39 9.52
CA PHE B 56 -6.76 3.41 10.86
C PHE B 56 -5.26 3.64 10.74
N HIS B 57 -4.81 4.72 11.35
CA HIS B 57 -3.41 5.14 11.38
C HIS B 57 -2.99 5.09 12.84
N LEU B 58 -2.00 4.24 13.16
CA LEU B 58 -1.47 4.05 14.51
C LEU B 58 -0.02 4.51 14.50
N ASN B 59 0.27 5.60 15.22
CA ASN B 59 1.54 6.33 15.04
C ASN B 59 2.22 6.57 16.38
N PRO B 60 3.04 5.63 16.85
CA PRO B 60 3.89 5.90 18.03
C PRO B 60 4.95 6.95 17.68
N ARG B 61 5.00 8.01 18.50
CA ARG B 61 5.93 9.13 18.33
C ARG B 61 6.82 9.22 19.56
N PHE B 62 8.09 8.83 19.42
CA PHE B 62 9.00 8.91 20.55
C PHE B 62 9.47 10.33 20.78
N ASP B 63 9.46 11.17 19.75
CA ASP B 63 9.75 12.58 19.95
C ASP B 63 8.73 13.22 20.89
N GLU B 64 7.45 12.95 20.66
CA GLU B 64 6.39 13.55 21.47
C GLU B 64 5.98 12.69 22.65
N ASN B 65 6.51 11.47 22.75
CA ASN B 65 6.06 10.52 23.76
C ASN B 65 4.55 10.33 23.70
N ALA B 66 4.04 10.06 22.50
CA ALA B 66 2.61 9.94 22.29
C ALA B 66 2.34 8.80 21.32
N VAL B 67 1.10 8.33 21.31
CA VAL B 67 0.64 7.35 20.33
C VAL B 67 -0.57 7.98 19.66
N VAL B 68 -0.38 8.50 18.45
CA VAL B 68 -1.45 9.21 17.76
C VAL B 68 -2.24 8.21 16.92
N ARG B 69 -3.57 8.30 16.98
CA ARG B 69 -4.46 7.53 16.12
C ARG B 69 -5.30 8.46 15.26
N ASN B 70 -5.55 8.07 14.00
CA ASN B 70 -6.32 8.95 13.13
C ASN B 70 -6.80 8.17 11.91
N THR B 71 -7.57 8.87 11.08
CA THR B 71 -8.13 8.36 9.84
C THR B 71 -7.87 9.42 8.78
N GLN B 72 -7.53 8.99 7.57
CA GLN B 72 -7.34 9.90 6.44
C GLN B 72 -8.33 9.53 5.35
N ILE B 73 -9.16 10.49 4.95
CA ILE B 73 -10.16 10.32 3.91
C ILE B 73 -9.98 11.42 2.89
N ASN B 74 -9.89 11.03 1.61
CA ASN B 74 -9.68 11.97 0.53
C ASN B 74 -8.46 12.86 0.82
N ASN B 75 -7.39 12.23 1.30
CA ASN B 75 -6.11 12.86 1.61
C ASN B 75 -6.21 13.87 2.75
N SER B 76 -7.25 13.80 3.57
CA SER B 76 -7.47 14.72 4.69
C SER B 76 -7.50 13.94 6.00
N TRP B 77 -6.63 14.34 6.94
CA TRP B 77 -6.60 13.76 8.28
C TRP B 77 -7.75 14.29 9.12
N GLY B 78 -8.41 13.40 9.86
CA GLY B 78 -9.46 13.82 10.77
C GLY B 78 -8.92 14.26 12.12
N PRO B 79 -9.78 14.27 13.14
CA PRO B 79 -9.32 14.63 14.48
C PRO B 79 -8.50 13.50 15.11
N GLU B 80 -7.38 13.89 15.72
CA GLU B 80 -6.49 12.89 16.28
C GLU B 80 -7.00 12.42 17.64
N GLU B 81 -6.71 11.16 17.96
CA GLU B 81 -6.93 10.62 19.29
C GLU B 81 -5.58 10.27 19.90
N ARG B 82 -5.29 10.80 21.09
CA ARG B 82 -4.00 10.58 21.74
C ARG B 82 -4.09 9.98 23.13
N SER B 83 -5.29 9.78 23.69
CA SER B 83 -5.39 9.33 25.07
C SER B 83 -4.65 8.02 25.28
N LEU B 84 -4.00 7.87 26.43
CA LEU B 84 -3.43 6.59 26.82
C LEU B 84 -3.76 6.29 28.27
N PRO B 85 -4.02 5.03 28.61
CA PRO B 85 -4.34 4.70 30.00
C PRO B 85 -3.16 4.83 30.94
N GLY B 86 -1.95 4.67 30.42
CA GLY B 86 -0.75 4.74 31.22
C GLY B 86 0.40 5.41 30.51
N SER B 87 1.62 4.93 30.76
CA SER B 87 2.79 5.48 30.13
C SER B 87 2.84 5.06 28.66
N MET B 88 3.76 5.69 27.93
CA MET B 88 4.07 5.32 26.56
C MET B 88 4.38 3.82 26.48
N PRO B 89 3.62 3.04 25.70
CA PRO B 89 3.78 1.58 25.70
C PRO B 89 4.86 1.04 24.76
N PHE B 90 5.61 1.89 24.06
CA PHE B 90 6.76 1.47 23.27
C PHE B 90 8.00 2.13 23.83
N SER B 91 9.13 1.41 23.75
CA SER B 91 10.43 1.90 24.20
C SER B 91 11.46 1.73 23.11
N ARG B 92 12.30 2.75 22.94
CA ARG B 92 13.42 2.66 22.01
C ARG B 92 14.30 1.45 22.35
N GLY B 93 14.71 0.71 21.33
CA GLY B 93 15.58 -0.43 21.50
C GLY B 93 14.93 -1.69 22.03
N GLN B 94 13.61 -1.71 22.16
CA GLN B 94 12.90 -2.82 22.77
C GLN B 94 11.96 -3.47 21.75
N ARG B 95 11.79 -4.78 21.88
CA ARG B 95 10.82 -5.47 21.06
C ARG B 95 9.41 -4.95 21.36
N PHE B 96 8.51 -5.13 20.39
CA PHE B 96 7.12 -4.78 20.57
C PHE B 96 6.29 -5.76 19.77
N SER B 97 5.07 -5.99 20.23
CA SER B 97 4.11 -6.72 19.42
C SER B 97 2.77 -6.02 19.56
N VAL B 98 2.21 -5.60 18.44
CA VAL B 98 0.95 -4.89 18.39
C VAL B 98 -0.14 -5.86 17.95
N TRP B 99 -1.22 -5.94 18.73
CA TRP B 99 -2.39 -6.73 18.40
C TRP B 99 -3.54 -5.79 18.10
N ILE B 100 -4.06 -5.84 16.88
CA ILE B 100 -5.21 -5.03 16.48
C ILE B 100 -6.39 -5.97 16.26
N LEU B 101 -7.45 -5.78 17.03
CA LEU B 101 -8.68 -6.54 16.90
C LEU B 101 -9.73 -5.64 16.28
N CYS B 102 -10.36 -6.11 15.22
CA CYS B 102 -11.49 -5.41 14.62
C CYS B 102 -12.77 -5.92 15.27
N GLU B 103 -13.51 -5.04 15.91
CA GLU B 103 -14.82 -5.39 16.44
C GLU B 103 -15.90 -4.73 15.60
N GLY B 104 -17.16 -4.93 16.00
CA GLY B 104 -18.25 -4.35 15.24
C GLY B 104 -18.25 -2.84 15.24
N HIS B 105 -17.80 -2.23 16.33
CA HIS B 105 -17.90 -0.80 16.53
C HIS B 105 -16.56 -0.09 16.54
N CYS B 106 -15.46 -0.82 16.74
CA CYS B 106 -14.19 -0.15 16.97
C CYS B 106 -13.06 -1.12 16.69
N PHE B 107 -11.85 -0.55 16.57
CA PHE B 107 -10.62 -1.30 16.70
C PHE B 107 -10.22 -1.32 18.17
N LYS B 108 -9.70 -2.46 18.64
CA LYS B 108 -9.03 -2.55 19.93
C LYS B 108 -7.55 -2.79 19.68
N VAL B 109 -6.70 -2.05 20.38
CA VAL B 109 -5.27 -2.11 20.17
C VAL B 109 -4.58 -2.46 21.48
N ALA B 110 -3.77 -3.51 21.44
CA ALA B 110 -2.94 -3.93 22.54
C ALA B 110 -1.49 -3.95 22.11
N VAL B 111 -0.61 -3.59 23.03
CA VAL B 111 0.83 -3.66 22.81
C VAL B 111 1.41 -4.62 23.85
N ASP B 112 2.11 -5.65 23.39
CA ASP B 112 2.68 -6.68 24.27
C ASP B 112 1.63 -7.28 25.20
N GLY B 113 0.41 -7.43 24.68
CA GLY B 113 -0.70 -7.97 25.44
C GLY B 113 -1.54 -6.96 26.18
N GLN B 114 -1.02 -5.78 26.50
CA GLN B 114 -1.74 -4.82 27.33
C GLN B 114 -2.55 -3.85 26.47
N HIS B 115 -3.85 -3.76 26.73
CA HIS B 115 -4.70 -2.84 25.98
C HIS B 115 -4.21 -1.40 26.08
N ILE B 116 -4.19 -0.71 24.94
CA ILE B 116 -3.78 0.69 24.95
C ILE B 116 -4.88 1.63 24.45
N CYS B 117 -5.75 1.18 23.55
CA CYS B 117 -6.83 2.09 23.14
C CYS B 117 -7.91 1.34 22.37
N GLU B 118 -9.09 1.95 22.36
CA GLU B 118 -10.17 1.63 21.42
C GLU B 118 -10.31 2.82 20.48
N TYR B 119 -10.65 2.52 19.23
CA TYR B 119 -10.79 3.54 18.19
C TYR B 119 -12.06 3.23 17.42
N SER B 120 -13.08 4.08 17.60
CA SER B 120 -14.36 3.86 16.93
C SER B 120 -14.17 3.93 15.42
N HIS B 121 -14.78 2.98 14.72
CA HIS B 121 -14.68 2.96 13.26
C HIS B 121 -15.18 4.27 12.69
N ARG B 122 -14.39 4.87 11.80
CA ARG B 122 -14.84 6.01 11.02
C ARG B 122 -15.18 5.63 9.59
N LEU B 123 -14.68 4.50 9.12
CA LEU B 123 -15.09 3.91 7.85
C LEU B 123 -15.74 2.58 8.17
N MET B 124 -16.95 2.36 7.63
CA MET B 124 -17.64 1.14 8.04
CA MET B 124 -17.80 1.21 7.94
C MET B 124 -17.58 0.03 6.99
N ASN B 125 -16.92 0.25 5.85
CA ASN B 125 -16.75 -0.80 4.85
C ASN B 125 -15.52 -1.64 5.18
N LEU B 126 -15.58 -2.31 6.33
CA LEU B 126 -14.45 -3.09 6.84
C LEU B 126 -13.84 -4.07 5.84
N PRO B 127 -14.58 -4.78 4.98
CA PRO B 127 -13.92 -5.69 4.02
C PRO B 127 -13.05 -4.97 2.99
N ASP B 128 -13.30 -3.69 2.74
CA ASP B 128 -12.42 -2.96 1.85
C ASP B 128 -11.12 -2.55 2.54
N ILE B 129 -11.04 -2.66 3.86
CA ILE B 129 -9.79 -2.39 4.56
C ILE B 129 -8.96 -3.65 4.44
N ASN B 130 -8.17 -3.74 3.38
CA ASN B 130 -7.55 -5.00 3.02
C ASN B 130 -6.05 -4.88 2.81
N THR B 131 -5.45 -3.75 3.14
CA THR B 131 -4.02 -3.56 3.01
C THR B 131 -3.45 -3.04 4.32
N LEU B 132 -2.31 -3.61 4.70
CA LEU B 132 -1.55 -3.18 5.88
C LEU B 132 -0.23 -2.58 5.43
N GLU B 133 0.13 -1.48 6.05
CA GLU B 133 1.44 -0.86 5.81
C GLU B 133 2.11 -0.64 7.15
N VAL B 134 3.41 -0.89 7.19
CA VAL B 134 4.23 -0.62 8.37
C VAL B 134 5.43 0.15 7.87
N ALA B 135 5.65 1.34 8.43
CA ALA B 135 6.76 2.20 8.02
C ALA B 135 7.38 2.83 9.26
N GLY B 136 8.63 3.29 9.14
CA GLY B 136 9.23 4.07 10.20
C GLY B 136 10.43 3.43 10.89
N ASP B 137 10.75 3.89 12.10
CA ASP B 137 12.04 3.58 12.71
C ASP B 137 11.95 2.30 13.55
N ILE B 138 11.73 1.18 12.85
CA ILE B 138 11.64 -0.14 13.48
C ILE B 138 12.37 -1.17 12.62
N GLN B 139 12.64 -2.32 13.24
CA GLN B 139 12.85 -3.58 12.55
C GLN B 139 11.57 -4.39 12.67
N LEU B 140 11.27 -5.19 11.65
CA LEU B 140 10.10 -6.06 11.69
C LEU B 140 10.56 -7.50 11.88
N THR B 141 9.87 -8.22 12.75
CA THR B 141 10.18 -9.62 12.99
C THR B 141 9.07 -10.57 12.55
N HIS B 142 7.81 -10.17 12.64
CA HIS B 142 6.72 -11.00 12.12
C HIS B 142 5.50 -10.15 11.86
N VAL B 143 4.80 -10.44 10.76
CA VAL B 143 3.53 -9.79 10.46
C VAL B 143 2.52 -10.88 10.15
N GLU B 144 1.36 -10.83 10.83
CA GLU B 144 0.34 -11.87 10.72
C GLU B 144 -0.99 -11.18 10.42
N THR B 145 -1.54 -11.41 9.23
CA THR B 145 -2.85 -10.82 8.88
C THR B 145 -3.84 -11.88 8.43
#